data_2PEX
#
_entry.id   2PEX
#
_cell.length_a   54.290
_cell.length_b   77.790
_cell.length_c   77.810
_cell.angle_alpha   90.00
_cell.angle_beta   90.00
_cell.angle_gamma   90.00
#
_symmetry.space_group_name_H-M   'P 21 21 21'
#
loop_
_entity.id
_entity.type
_entity.pdbx_description
1 polymer 'Transcriptional regulator OhrR'
2 non-polymer 'FORMIC ACID'
3 water water
#
_entity_poly.entity_id   1
_entity_poly.type   'polypeptide(L)'
_entity_poly.pdbx_seq_one_letter_code
;MDTTTATTARTDTLLQLDNQLSFALYSANLAMHKLYRGLLKALDLTYPQYLVMLVLWETDERSVSEIGERLYLDSATLTP
LLKRLQAAGLVTRTRAASDERQVIIALTETGRALRSKAGAVPEQVFCASACSLDELRQLKQELEKLRSSLGAG
;
_entity_poly.pdbx_strand_id   A,B
#
loop_
_chem_comp.id
_chem_comp.type
_chem_comp.name
_chem_comp.formula
FMT non-polymer 'FORMIC ACID' 'C H2 O2'
#
# COMPACT_ATOMS: atom_id res chain seq x y z
N ARG A 10 -5.59 11.19 -28.64
CA ARG A 10 -4.56 10.24 -28.12
C ARG A 10 -4.61 10.22 -26.58
N THR A 11 -5.08 9.11 -26.02
CA THR A 11 -5.22 8.99 -24.57
C THR A 11 -4.30 7.97 -23.90
N ASP A 12 -3.58 7.19 -24.71
CA ASP A 12 -2.71 6.16 -24.19
C ASP A 12 -1.55 6.58 -23.28
N THR A 13 -0.88 7.69 -23.58
CA THR A 13 0.25 8.10 -22.73
C THR A 13 -0.17 8.34 -21.28
N LEU A 14 -1.38 8.87 -21.13
CA LEU A 14 -1.95 9.16 -19.82
C LEU A 14 -2.11 7.90 -18.96
N LEU A 15 -2.28 6.75 -19.60
CA LEU A 15 -2.46 5.49 -18.89
C LEU A 15 -1.25 4.57 -18.79
N GLN A 16 -0.08 5.01 -19.24
CA GLN A 16 1.10 4.15 -19.16
C GLN A 16 1.42 3.87 -17.70
N LEU A 17 1.69 2.60 -17.39
CA LEU A 17 1.99 2.17 -16.03
C LEU A 17 3.03 3.07 -15.33
N ASP A 18 4.12 3.36 -16.03
CA ASP A 18 5.21 4.17 -15.48
C ASP A 18 4.84 5.61 -15.15
N ASN A 19 3.65 6.04 -15.56
CA ASN A 19 3.23 7.41 -15.29
C ASN A 19 2.20 7.50 -14.15
N GLN A 20 1.89 6.36 -13.55
CA GLN A 20 0.90 6.32 -12.47
C GLN A 20 1.49 6.48 -11.07
N LEU A 21 1.10 7.55 -10.38
CA LEU A 21 1.56 7.76 -9.01
C LEU A 21 1.08 6.59 -8.15
N SER A 22 -0.14 6.13 -8.41
CA SER A 22 -0.70 5.04 -7.62
C SER A 22 0.16 3.77 -7.67
N PHE A 23 0.69 3.43 -8.84
CA PHE A 23 1.48 2.21 -8.94
C PHE A 23 2.79 2.32 -8.18
N ALA A 24 3.43 3.50 -8.21
CA ALA A 24 4.68 3.68 -7.47
C ALA A 24 4.42 3.51 -5.98
N LEU A 25 3.29 4.05 -5.51
CA LEU A 25 2.91 3.94 -4.11
C LEU A 25 2.62 2.46 -3.76
N TYR A 26 1.80 1.84 -4.59
CA TYR A 26 1.39 0.44 -4.42
C TYR A 26 2.59 -0.51 -4.37
N SER A 27 3.51 -0.37 -5.32
CA SER A 27 4.67 -1.25 -5.36
C SER A 27 5.68 -0.99 -4.23
N ALA A 28 5.87 0.26 -3.84
CA ALA A 28 6.81 0.55 -2.75
C ALA A 28 6.24 0.01 -1.43
N ASN A 29 4.92 0.16 -1.26
CA ASN A 29 4.23 -0.31 -0.05
C ASN A 29 4.37 -1.83 0.08
N LEU A 30 4.24 -2.53 -1.05
CA LEU A 30 4.36 -4.00 -1.03
C LEU A 30 5.80 -4.39 -0.70
N ALA A 31 6.75 -3.65 -1.25
CA ALA A 31 8.16 -3.92 -0.98
C ALA A 31 8.41 -3.69 0.51
N MET A 32 7.75 -2.68 1.08
CA MET A 32 7.92 -2.41 2.50
C MET A 32 7.33 -3.57 3.32
N HIS A 33 6.18 -4.06 2.89
CA HIS A 33 5.56 -5.18 3.58
C HIS A 33 6.47 -6.40 3.55
N LYS A 34 7.04 -6.67 2.38
CA LYS A 34 7.94 -7.81 2.23
C LYS A 34 9.10 -7.72 3.21
N LEU A 35 9.66 -6.52 3.34
CA LEU A 35 10.77 -6.30 4.27
C LEU A 35 10.33 -6.59 5.69
N TYR A 36 9.15 -6.09 6.04
CA TYR A 36 8.62 -6.28 7.39
C TYR A 36 8.29 -7.70 7.76
N ARG A 37 7.89 -8.51 6.78
CA ARG A 37 7.58 -9.90 7.06
C ARG A 37 8.82 -10.56 7.65
N GLY A 38 9.98 -10.12 7.18
CA GLY A 38 11.23 -10.66 7.68
C GLY A 38 11.65 -10.02 9.00
N LEU A 39 11.39 -8.72 9.13
CA LEU A 39 11.74 -7.99 10.33
C LEU A 39 10.84 -8.32 11.52
N LEU A 40 9.59 -8.68 11.26
CA LEU A 40 8.65 -8.98 12.33
C LEU A 40 8.50 -10.46 12.64
N LYS A 41 9.32 -11.30 12.03
CA LYS A 41 9.23 -12.74 12.24
C LYS A 41 9.39 -13.17 13.70
N ALA A 42 10.39 -12.62 14.39
CA ALA A 42 10.63 -12.98 15.78
C ALA A 42 9.51 -12.60 16.74
N LEU A 43 8.79 -11.50 16.46
CA LEU A 43 7.71 -11.10 17.34
C LEU A 43 6.33 -11.53 16.90
N ASP A 44 6.29 -12.37 15.88
CA ASP A 44 5.04 -12.92 15.37
C ASP A 44 3.90 -11.93 15.16
N LEU A 45 4.17 -10.87 14.41
CA LEU A 45 3.16 -9.87 14.12
C LEU A 45 3.14 -9.60 12.62
N THR A 46 1.98 -9.22 12.12
CA THR A 46 1.82 -8.87 10.72
C THR A 46 2.07 -7.36 10.79
N TYR A 47 2.33 -6.72 9.65
CA TYR A 47 2.59 -5.28 9.69
C TYR A 47 1.43 -4.48 10.32
N PRO A 48 0.18 -4.69 9.86
CA PRO A 48 -0.93 -3.94 10.44
C PRO A 48 -1.07 -4.17 11.96
N GLN A 49 -0.80 -5.38 12.41
CA GLN A 49 -0.90 -5.69 13.84
C GLN A 49 0.19 -4.89 14.55
N TYR A 50 1.36 -4.84 13.95
CA TYR A 50 2.48 -4.09 14.51
C TYR A 50 2.06 -2.63 14.65
N LEU A 51 1.35 -2.08 13.67
CA LEU A 51 0.90 -0.67 13.74
C LEU A 51 0.00 -0.44 14.95
N VAL A 52 -0.90 -1.38 15.22
CA VAL A 52 -1.78 -1.26 16.38
C VAL A 52 -0.95 -1.21 17.65
N MET A 53 0.07 -2.07 17.73
CA MET A 53 0.92 -2.10 18.91
C MET A 53 1.68 -0.79 19.05
N LEU A 54 2.10 -0.21 17.92
CA LEU A 54 2.81 1.07 17.99
C LEU A 54 1.91 2.12 18.64
N VAL A 55 0.62 2.12 18.27
CA VAL A 55 -0.32 3.07 18.83
C VAL A 55 -0.48 2.86 20.34
N LEU A 56 -0.64 1.61 20.74
CA LEU A 56 -0.82 1.27 22.16
C LEU A 56 0.44 1.49 23.02
N TRP A 57 1.60 1.16 22.48
CA TRP A 57 2.84 1.35 23.22
C TRP A 57 3.08 2.83 23.54
N GLU A 58 2.51 3.71 22.73
CA GLU A 58 2.69 5.15 22.98
C GLU A 58 1.56 5.65 23.86
N THR A 59 0.33 5.24 23.58
CA THR A 59 -0.83 5.65 24.38
C THR A 59 -1.74 4.44 24.59
N ASP A 60 -1.66 3.84 25.77
CA ASP A 60 -2.45 2.67 26.12
C ASP A 60 -3.92 3.04 26.37
N GLU A 61 -4.77 2.03 26.49
CA GLU A 61 -6.20 2.23 26.76
C GLU A 61 -6.94 3.11 25.77
N ARG A 62 -6.90 2.77 24.48
CA ARG A 62 -7.59 3.57 23.49
C ARG A 62 -8.84 2.84 23.00
N SER A 63 -9.86 3.60 22.62
CA SER A 63 -11.08 2.99 22.11
C SER A 63 -10.80 2.55 20.69
N VAL A 64 -11.61 1.63 20.16
CA VAL A 64 -11.41 1.16 18.79
C VAL A 64 -11.51 2.34 17.83
N SER A 65 -12.42 3.27 18.12
CA SER A 65 -12.60 4.44 17.28
C SER A 65 -11.33 5.29 17.26
N GLU A 66 -10.70 5.46 18.42
CA GLU A 66 -9.49 6.26 18.52
C GLU A 66 -8.34 5.63 17.74
N ILE A 67 -8.24 4.31 17.81
CA ILE A 67 -7.17 3.61 17.09
C ILE A 67 -7.40 3.70 15.58
N GLY A 68 -8.65 3.53 15.17
CA GLY A 68 -8.98 3.60 13.76
C GLY A 68 -8.70 4.97 13.17
N GLU A 69 -8.95 6.00 13.96
CA GLU A 69 -8.74 7.37 13.52
C GLU A 69 -7.24 7.62 13.37
N ARG A 70 -6.47 7.04 14.29
CA ARG A 70 -5.02 7.18 14.30
C ARG A 70 -4.35 6.48 13.11
N LEU A 71 -4.86 5.29 12.77
CA LEU A 71 -4.29 4.51 11.68
C LEU A 71 -5.01 4.72 10.36
N TYR A 72 -6.06 5.55 10.38
CA TYR A 72 -6.86 5.82 9.20
C TYR A 72 -7.52 4.53 8.71
N LEU A 73 -8.00 3.73 9.65
CA LEU A 73 -8.65 2.46 9.30
C LEU A 73 -10.09 2.43 9.77
N ASP A 74 -10.98 1.86 8.94
CA ASP A 74 -12.38 1.73 9.31
C ASP A 74 -12.52 0.50 10.19
N SER A 75 -13.63 0.40 10.92
CA SER A 75 -13.89 -0.71 11.81
C SER A 75 -13.70 -2.09 11.19
N ALA A 76 -14.21 -2.28 9.97
CA ALA A 76 -14.12 -3.56 9.27
C ALA A 76 -12.69 -4.05 9.03
N THR A 77 -11.75 -3.12 8.91
CA THR A 77 -10.36 -3.49 8.66
C THR A 77 -9.56 -3.67 9.95
N LEU A 78 -9.86 -2.83 10.93
CA LEU A 78 -9.17 -2.88 12.21
C LEU A 78 -9.61 -4.04 13.11
N THR A 79 -10.91 -4.27 13.22
CA THR A 79 -11.40 -5.33 14.10
C THR A 79 -10.66 -6.67 13.97
N PRO A 80 -10.41 -7.15 12.75
CA PRO A 80 -9.70 -8.43 12.62
C PRO A 80 -8.31 -8.39 13.26
N LEU A 81 -7.66 -7.23 13.18
CA LEU A 81 -6.33 -7.09 13.75
C LEU A 81 -6.41 -7.22 15.26
N LEU A 82 -7.38 -6.54 15.85
CA LEU A 82 -7.56 -6.58 17.30
C LEU A 82 -7.88 -7.99 17.77
N LYS A 83 -8.71 -8.70 17.01
CA LYS A 83 -9.07 -10.06 17.38
C LYS A 83 -7.82 -10.93 17.41
N ARG A 84 -6.98 -10.82 16.39
CA ARG A 84 -5.77 -11.63 16.34
C ARG A 84 -4.80 -11.26 17.45
N LEU A 85 -4.70 -9.97 17.74
CA LEU A 85 -3.80 -9.53 18.81
C LEU A 85 -4.30 -10.07 20.16
N GLN A 86 -5.62 -10.06 20.36
CA GLN A 86 -6.18 -10.56 21.61
C GLN A 86 -5.96 -12.07 21.75
N ALA A 87 -6.19 -12.82 20.66
CA ALA A 87 -6.01 -14.27 20.70
C ALA A 87 -4.54 -14.64 20.96
N ALA A 88 -3.63 -13.73 20.64
CA ALA A 88 -2.22 -13.96 20.84
C ALA A 88 -1.84 -13.54 22.25
N GLY A 89 -2.79 -13.00 22.99
CA GLY A 89 -2.56 -12.57 24.36
C GLY A 89 -1.83 -11.26 24.54
N LEU A 90 -1.82 -10.43 23.50
CA LEU A 90 -1.12 -9.15 23.53
C LEU A 90 -1.97 -7.94 23.93
N VAL A 91 -3.28 -8.02 23.72
CA VAL A 91 -4.16 -6.92 24.11
C VAL A 91 -5.49 -7.47 24.61
N THR A 92 -6.21 -6.64 25.34
CA THR A 92 -7.52 -7.00 25.87
C THR A 92 -8.53 -6.14 25.12
N ARG A 93 -9.76 -6.63 25.03
CA ARG A 93 -10.84 -5.91 24.38
C ARG A 93 -11.97 -5.98 25.39
N THR A 94 -12.36 -4.83 25.93
CA THR A 94 -13.41 -4.79 26.94
C THR A 94 -14.36 -3.63 26.69
N ARG A 95 -15.65 -3.88 26.86
CA ARG A 95 -16.67 -2.86 26.65
C ARG A 95 -16.84 -2.01 27.91
N VAL A 103 -15.69 -0.08 22.48
CA VAL A 103 -14.71 -1.05 22.96
C VAL A 103 -13.38 -0.38 23.24
N ILE A 104 -12.77 -0.77 24.36
CA ILE A 104 -11.50 -0.22 24.77
C ILE A 104 -10.41 -1.28 24.62
N ILE A 105 -9.30 -0.90 24.01
CA ILE A 105 -8.19 -1.82 23.80
C ILE A 105 -7.02 -1.46 24.71
N ALA A 106 -6.49 -2.45 25.42
CA ALA A 106 -5.38 -2.20 26.33
C ALA A 106 -4.34 -3.30 26.24
N LEU A 107 -3.10 -2.93 26.53
CA LEU A 107 -2.00 -3.88 26.48
C LEU A 107 -2.06 -4.85 27.65
N THR A 108 -1.62 -6.08 27.42
CA THR A 108 -1.55 -7.08 28.47
C THR A 108 -0.09 -6.97 28.90
N GLU A 109 0.30 -7.69 29.94
CA GLU A 109 1.68 -7.64 30.41
C GLU A 109 2.61 -8.11 29.28
N THR A 110 2.26 -9.22 28.63
CA THR A 110 3.10 -9.71 27.54
C THR A 110 3.10 -8.74 26.36
N GLY A 111 1.99 -8.03 26.15
CA GLY A 111 1.93 -7.07 25.06
C GLY A 111 2.84 -5.89 25.32
N ARG A 112 2.93 -5.49 26.59
CA ARG A 112 3.79 -4.37 26.96
C ARG A 112 5.24 -4.82 26.86
N ALA A 113 5.48 -6.07 27.27
CA ALA A 113 6.82 -6.64 27.24
C ALA A 113 7.36 -6.77 25.81
N LEU A 114 6.45 -6.92 24.85
CA LEU A 114 6.84 -7.06 23.45
C LEU A 114 7.55 -5.83 22.90
N ARG A 115 7.24 -4.66 23.46
CA ARG A 115 7.84 -3.41 22.99
C ARG A 115 9.37 -3.46 22.94
N SER A 116 9.99 -4.03 23.96
CA SER A 116 11.43 -4.11 24.02
C SER A 116 12.03 -4.95 22.90
N LYS A 117 11.25 -5.88 22.35
CA LYS A 117 11.74 -6.73 21.28
C LYS A 117 11.62 -6.08 19.90
N ALA A 118 10.83 -5.01 19.82
CA ALA A 118 10.62 -4.31 18.56
C ALA A 118 11.53 -3.09 18.41
N GLY A 119 12.34 -2.82 19.43
CA GLY A 119 13.23 -1.67 19.42
C GLY A 119 14.21 -1.50 18.27
N ALA A 120 14.63 -2.59 17.64
CA ALA A 120 15.59 -2.51 16.53
C ALA A 120 14.94 -2.40 15.15
N VAL A 121 13.62 -2.61 15.09
CA VAL A 121 12.92 -2.56 13.82
C VAL A 121 13.01 -1.25 13.04
N PRO A 122 12.69 -0.11 13.68
CA PRO A 122 12.77 1.18 12.98
C PRO A 122 14.11 1.42 12.31
N GLU A 123 15.20 1.19 13.05
CA GLU A 123 16.55 1.37 12.53
C GLU A 123 16.84 0.48 11.32
N GLN A 124 16.32 -0.75 11.36
CA GLN A 124 16.51 -1.69 10.27
C GLN A 124 15.81 -1.21 9.01
N VAL A 125 14.65 -0.59 9.17
CA VAL A 125 13.91 -0.07 8.03
C VAL A 125 14.65 1.14 7.47
N PHE A 126 15.17 1.99 8.36
CA PHE A 126 15.90 3.17 7.92
C PHE A 126 17.07 2.77 7.05
N CYS A 127 17.81 1.76 7.50
N CYS A 127 17.81 1.75 7.49
CA CYS A 127 18.96 1.27 6.77
CA CYS A 127 18.96 1.27 6.74
C CYS A 127 18.58 0.72 5.40
C CYS A 127 18.56 0.74 5.37
N ALA A 128 17.56 -0.13 5.36
CA ALA A 128 17.08 -0.71 4.11
C ALA A 128 16.58 0.33 3.09
N SER A 129 16.08 1.46 3.59
CA SER A 129 15.54 2.50 2.71
C SER A 129 16.63 3.18 1.88
N ALA A 130 17.86 3.13 2.37
CA ALA A 130 19.00 3.73 1.70
C ALA A 130 18.85 5.25 1.63
N CYS A 131 17.99 5.81 2.48
CA CYS A 131 17.76 7.24 2.54
C CYS A 131 18.64 7.91 3.59
N SER A 132 18.95 9.19 3.37
CA SER A 132 19.70 9.96 4.34
C SER A 132 18.56 10.41 5.24
N LEU A 133 18.87 10.98 6.40
CA LEU A 133 17.80 11.43 7.29
C LEU A 133 16.88 12.46 6.61
N ASP A 134 17.46 13.42 5.91
CA ASP A 134 16.67 14.44 5.24
C ASP A 134 15.83 13.88 4.10
N GLU A 135 16.36 12.89 3.39
CA GLU A 135 15.60 12.29 2.30
C GLU A 135 14.41 11.54 2.87
N LEU A 136 14.61 10.85 3.99
CA LEU A 136 13.52 10.11 4.62
C LEU A 136 12.46 11.10 5.10
N ARG A 137 12.88 12.13 5.83
CA ARG A 137 11.95 13.11 6.34
C ARG A 137 11.21 13.84 5.22
N GLN A 138 11.90 14.11 4.12
CA GLN A 138 11.28 14.80 2.99
C GLN A 138 10.24 13.90 2.33
N LEU A 139 10.60 12.64 2.13
CA LEU A 139 9.68 11.69 1.51
C LEU A 139 8.47 11.47 2.40
N LYS A 140 8.72 11.28 3.68
CA LYS A 140 7.64 11.05 4.65
C LYS A 140 6.70 12.26 4.66
N GLN A 141 7.27 13.46 4.57
CA GLN A 141 6.48 14.68 4.58
C GLN A 141 5.59 14.79 3.33
N GLU A 142 6.14 14.43 2.17
CA GLU A 142 5.38 14.47 0.92
C GLU A 142 4.25 13.45 0.93
N LEU A 143 4.52 12.28 1.51
CA LEU A 143 3.51 11.24 1.60
C LEU A 143 2.37 11.67 2.51
N GLU A 144 2.71 12.33 3.61
CA GLU A 144 1.68 12.81 4.54
C GLU A 144 0.88 13.94 3.89
N LYS A 145 1.55 14.75 3.08
CA LYS A 145 0.87 15.84 2.39
C LYS A 145 -0.13 15.20 1.41
N LEU A 146 0.32 14.17 0.70
CA LEU A 146 -0.52 13.48 -0.27
C LEU A 146 -1.69 12.80 0.43
N ARG A 147 -1.41 12.15 1.56
CA ARG A 147 -2.46 11.48 2.31
C ARG A 147 -3.56 12.47 2.69
N SER A 148 -3.14 13.66 3.12
CA SER A 148 -4.08 14.70 3.52
C SER A 148 -4.87 15.26 2.34
N SER A 149 -4.23 15.33 1.17
CA SER A 149 -4.92 15.83 -0.01
C SER A 149 -5.94 14.83 -0.53
N LEU A 150 -5.58 13.55 -0.50
CA LEU A 150 -6.47 12.48 -0.98
C LEU A 150 -7.64 12.21 -0.06
N GLY A 151 -7.36 12.14 1.25
CA GLY A 151 -8.40 11.85 2.23
C GLY A 151 -9.25 13.03 2.65
N ALA A 152 -10.42 12.73 3.21
CA ALA A 152 -11.38 13.74 3.65
C ALA A 152 -11.05 14.32 5.02
N ALA B 9 17.30 2.66 25.87
CA ALA B 9 17.32 4.11 25.53
C ALA B 9 15.86 4.57 25.49
N ARG B 10 15.57 5.69 24.86
CA ARG B 10 14.20 6.14 24.74
C ARG B 10 13.65 5.43 23.50
N THR B 11 13.58 4.11 23.59
CA THR B 11 13.10 3.29 22.48
C THR B 11 11.66 3.69 22.12
N ASP B 12 11.01 4.40 23.03
CA ASP B 12 9.64 4.87 22.79
C ASP B 12 9.58 5.85 21.64
N THR B 13 10.59 6.73 21.52
CA THR B 13 10.58 7.71 20.43
C THR B 13 10.79 7.04 19.07
N LEU B 14 11.65 6.03 19.03
CA LEU B 14 11.90 5.32 17.79
C LEU B 14 10.64 4.59 17.30
N LEU B 15 9.81 4.18 18.24
CA LEU B 15 8.59 3.42 17.94
C LEU B 15 7.29 4.20 17.79
N GLN B 16 7.35 5.52 17.87
CA GLN B 16 6.13 6.31 17.74
C GLN B 16 5.61 6.20 16.31
N LEU B 17 4.28 6.12 16.17
CA LEU B 17 3.65 5.99 14.86
C LEU B 17 4.07 7.11 13.91
N ASP B 18 4.03 8.34 14.40
CA ASP B 18 4.37 9.52 13.60
C ASP B 18 5.83 9.60 13.14
N ASN B 19 6.67 8.67 13.58
CA ASN B 19 8.06 8.68 13.16
C ASN B 19 8.40 7.54 12.19
N GLN B 20 7.37 6.82 11.74
CA GLN B 20 7.59 5.70 10.82
C GLN B 20 7.38 6.07 9.37
N LEU B 21 8.44 5.95 8.56
CA LEU B 21 8.31 6.21 7.13
C LEU B 21 7.29 5.21 6.57
N SER B 22 7.38 3.96 7.03
CA SER B 22 6.48 2.91 6.55
C SER B 22 5.01 3.26 6.74
N PHE B 23 4.67 3.90 7.86
CA PHE B 23 3.27 4.26 8.08
C PHE B 23 2.82 5.37 7.13
N ALA B 24 3.68 6.35 6.91
CA ALA B 24 3.33 7.43 5.97
C ALA B 24 3.04 6.81 4.62
N LEU B 25 3.86 5.83 4.23
CA LEU B 25 3.69 5.13 2.95
C LEU B 25 2.42 4.29 2.96
N TYR B 26 2.25 3.48 4.01
CA TYR B 26 1.08 2.62 4.16
C TYR B 26 -0.23 3.41 4.12
N SER B 27 -0.30 4.51 4.86
CA SER B 27 -1.52 5.31 4.93
C SER B 27 -1.79 6.13 3.66
N ALA B 28 -0.73 6.58 2.99
CA ALA B 28 -0.93 7.33 1.75
C ALA B 28 -1.43 6.33 0.70
N ASN B 29 -0.88 5.13 0.75
CA ASN B 29 -1.29 4.09 -0.20
C ASN B 29 -2.76 3.74 0.03
N LEU B 30 -3.15 3.65 1.30
CA LEU B 30 -4.53 3.32 1.64
C LEU B 30 -5.48 4.40 1.13
N ALA B 31 -5.08 5.66 1.28
CA ALA B 31 -5.91 6.77 0.82
C ALA B 31 -6.06 6.69 -0.70
N MET B 32 -4.97 6.38 -1.38
CA MET B 32 -4.99 6.28 -2.84
C MET B 32 -5.90 5.12 -3.25
N HIS B 33 -5.83 4.01 -2.51
CA HIS B 33 -6.66 2.84 -2.79
C HIS B 33 -8.15 3.17 -2.63
N LYS B 34 -8.49 3.86 -1.54
CA LYS B 34 -9.90 4.22 -1.30
C LYS B 34 -10.42 5.11 -2.43
N LEU B 35 -9.58 6.04 -2.90
CA LEU B 35 -9.93 6.92 -3.99
C LEU B 35 -10.19 6.07 -5.24
N TYR B 36 -9.31 5.10 -5.47
CA TYR B 36 -9.44 4.23 -6.62
C TYR B 36 -10.67 3.32 -6.59
N ARG B 37 -11.13 2.94 -5.41
CA ARG B 37 -12.32 2.10 -5.36
C ARG B 37 -13.49 2.86 -5.97
N GLY B 38 -13.48 4.17 -5.81
CA GLY B 38 -14.55 4.99 -6.36
C GLY B 38 -14.33 5.26 -7.84
N LEU B 39 -13.10 5.57 -8.20
CA LEU B 39 -12.76 5.86 -9.59
C LEU B 39 -12.96 4.68 -10.53
N LEU B 40 -12.61 3.49 -10.06
CA LEU B 40 -12.72 2.30 -10.89
C LEU B 40 -14.13 1.72 -11.00
N LYS B 41 -15.06 2.21 -10.17
CA LYS B 41 -16.41 1.70 -10.23
C LYS B 41 -16.98 1.87 -11.63
N ALA B 42 -16.63 2.96 -12.30
CA ALA B 42 -17.13 3.23 -13.64
C ALA B 42 -16.56 2.23 -14.66
N LEU B 43 -15.45 1.59 -14.32
CA LEU B 43 -14.82 0.61 -15.21
C LEU B 43 -15.13 -0.79 -14.73
N ASP B 44 -15.72 -0.89 -13.55
CA ASP B 44 -16.06 -2.15 -12.93
C ASP B 44 -14.84 -3.06 -12.82
N LEU B 45 -13.75 -2.49 -12.29
CA LEU B 45 -12.51 -3.23 -12.11
C LEU B 45 -11.94 -2.99 -10.73
N THR B 46 -11.13 -3.92 -10.25
CA THR B 46 -10.46 -3.80 -8.96
C THR B 46 -9.11 -3.18 -9.32
N TYR B 47 -8.40 -2.61 -8.35
CA TYR B 47 -7.12 -1.97 -8.67
C TYR B 47 -6.11 -2.89 -9.36
N PRO B 48 -5.89 -4.11 -8.84
CA PRO B 48 -4.93 -5.01 -9.49
C PRO B 48 -5.37 -5.41 -10.91
N GLN B 49 -6.66 -5.58 -11.12
CA GLN B 49 -7.16 -5.95 -12.45
C GLN B 49 -6.87 -4.77 -13.37
N TYR B 50 -7.05 -3.57 -12.82
CA TYR B 50 -6.80 -2.34 -13.57
C TYR B 50 -5.32 -2.28 -13.98
N LEU B 51 -4.42 -2.65 -13.07
CA LEU B 51 -2.99 -2.62 -13.38
C LEU B 51 -2.70 -3.52 -14.57
N VAL B 52 -3.35 -4.68 -14.61
CA VAL B 52 -3.15 -5.60 -15.72
C VAL B 52 -3.62 -4.95 -17.02
N MET B 53 -4.75 -4.26 -16.97
CA MET B 53 -5.25 -3.61 -18.17
C MET B 53 -4.27 -2.51 -18.60
N LEU B 54 -3.68 -1.80 -17.65
CA LEU B 54 -2.72 -0.75 -18.02
C LEU B 54 -1.56 -1.34 -18.82
N VAL B 55 -1.09 -2.52 -18.41
CA VAL B 55 0.01 -3.16 -19.11
C VAL B 55 -0.40 -3.49 -20.53
N LEU B 56 -1.56 -4.11 -20.68
CA LEU B 56 -2.08 -4.49 -21.99
C LEU B 56 -2.42 -3.31 -22.89
N TRP B 57 -2.94 -2.22 -22.33
CA TRP B 57 -3.29 -1.07 -23.15
C TRP B 57 -2.05 -0.40 -23.76
N GLU B 58 -0.90 -0.62 -23.15
CA GLU B 58 0.35 -0.07 -23.66
C GLU B 58 1.01 -1.11 -24.56
N THR B 59 1.05 -2.36 -24.09
CA THR B 59 1.65 -3.45 -24.85
C THR B 59 0.74 -4.69 -24.79
N ASP B 60 -0.05 -4.89 -25.85
CA ASP B 60 -0.98 -6.02 -25.93
C ASP B 60 -0.28 -7.36 -26.13
N GLU B 61 -1.05 -8.43 -26.00
CA GLU B 61 -0.55 -9.79 -26.17
C GLU B 61 0.69 -10.13 -25.37
N ARG B 62 0.57 -10.09 -24.05
CA ARG B 62 1.69 -10.39 -23.16
C ARG B 62 1.50 -11.71 -22.42
N SER B 63 2.61 -12.37 -22.11
CA SER B 63 2.55 -13.63 -21.38
C SER B 63 2.30 -13.30 -19.92
N VAL B 64 1.81 -14.26 -19.15
CA VAL B 64 1.56 -14.04 -17.73
C VAL B 64 2.84 -13.64 -17.03
N SER B 65 3.98 -14.18 -17.49
CA SER B 65 5.27 -13.87 -16.90
C SER B 65 5.66 -12.42 -17.15
N GLU B 66 5.47 -11.96 -18.38
CA GLU B 66 5.81 -10.59 -18.74
C GLU B 66 4.96 -9.60 -17.95
N ILE B 67 3.68 -9.90 -17.79
CA ILE B 67 2.80 -9.02 -17.03
C ILE B 67 3.28 -8.99 -15.59
N GLY B 68 3.67 -10.15 -15.09
CA GLY B 68 4.16 -10.26 -13.73
C GLY B 68 5.40 -9.45 -13.42
N GLU B 69 6.43 -9.54 -14.27
CA GLU B 69 7.66 -8.79 -13.99
C GLU B 69 7.46 -7.28 -14.18
N ARG B 70 6.37 -6.92 -14.85
CA ARG B 70 6.06 -5.51 -15.08
C ARG B 70 5.41 -4.94 -13.81
N LEU B 71 4.56 -5.75 -13.18
CA LEU B 71 3.83 -5.34 -11.99
C LEU B 71 4.49 -5.80 -10.68
N TYR B 72 5.61 -6.52 -10.80
CA TYR B 72 6.30 -7.04 -9.61
C TYR B 72 5.39 -7.97 -8.83
N LEU B 73 4.56 -8.71 -9.55
CA LEU B 73 3.64 -9.65 -8.93
C LEU B 73 3.94 -11.06 -9.45
N ASP B 74 3.73 -12.06 -8.60
CA ASP B 74 3.98 -13.44 -9.01
C ASP B 74 2.78 -14.02 -9.74
N SER B 75 3.00 -15.14 -10.42
CA SER B 75 1.95 -15.81 -11.18
C SER B 75 0.74 -16.16 -10.32
N ALA B 76 0.97 -16.61 -9.10
CA ALA B 76 -0.09 -16.99 -8.19
C ALA B 76 -1.04 -15.84 -7.88
N THR B 77 -0.51 -14.61 -7.88
CA THR B 77 -1.32 -13.44 -7.59
C THR B 77 -2.07 -12.97 -8.84
N LEU B 78 -1.43 -13.13 -9.99
CA LEU B 78 -1.98 -12.71 -11.27
C LEU B 78 -3.09 -13.62 -11.81
N THR B 79 -2.94 -14.92 -11.60
CA THR B 79 -3.90 -15.91 -12.07
C THR B 79 -5.38 -15.58 -11.82
N PRO B 80 -5.75 -15.32 -10.56
CA PRO B 80 -7.15 -15.01 -10.26
C PRO B 80 -7.64 -13.77 -11.01
N LEU B 81 -6.78 -12.76 -11.08
CA LEU B 81 -7.09 -11.49 -11.76
C LEU B 81 -7.39 -11.70 -13.24
N LEU B 82 -6.53 -12.47 -13.90
CA LEU B 82 -6.69 -12.75 -15.32
C LEU B 82 -7.98 -13.52 -15.60
N LYS B 83 -8.33 -14.45 -14.71
CA LYS B 83 -9.54 -15.23 -14.88
C LYS B 83 -10.78 -14.34 -14.74
N ARG B 84 -10.69 -13.34 -13.87
CA ARG B 84 -11.81 -12.43 -13.68
C ARG B 84 -11.93 -11.51 -14.89
N LEU B 85 -10.79 -11.08 -15.44
CA LEU B 85 -10.80 -10.22 -16.62
C LEU B 85 -11.36 -11.01 -17.79
N GLN B 86 -11.00 -12.28 -17.88
CA GLN B 86 -11.48 -13.14 -18.96
C GLN B 86 -12.98 -13.33 -18.84
N ALA B 87 -13.45 -13.61 -17.62
CA ALA B 87 -14.88 -13.80 -17.37
C ALA B 87 -15.66 -12.55 -17.76
N ALA B 88 -15.02 -11.40 -17.63
CA ALA B 88 -15.64 -10.12 -17.96
C ALA B 88 -15.57 -9.85 -19.46
N GLY B 89 -14.88 -10.76 -20.17
CA GLY B 89 -14.75 -10.63 -21.61
C GLY B 89 -13.90 -9.47 -22.07
N LEU B 90 -12.97 -9.04 -21.22
CA LEU B 90 -12.10 -7.93 -21.56
C LEU B 90 -10.77 -8.47 -22.07
N VAL B 91 -10.50 -9.73 -21.74
CA VAL B 91 -9.28 -10.41 -22.09
C VAL B 91 -9.54 -11.86 -22.51
N THR B 92 -8.64 -12.42 -23.33
CA THR B 92 -8.74 -13.81 -23.78
C THR B 92 -7.42 -14.49 -23.36
N ARG B 93 -7.43 -15.80 -23.19
CA ARG B 93 -6.22 -16.55 -22.82
C ARG B 93 -5.91 -17.56 -23.92
N THR B 94 -4.74 -17.40 -24.54
CA THR B 94 -4.32 -18.30 -25.61
C THR B 94 -3.06 -19.07 -25.25
N ARG B 95 -3.20 -20.38 -25.02
CA ARG B 95 -2.06 -21.23 -24.67
C ARG B 95 -1.15 -21.42 -25.87
N VAL B 103 -1.14 -18.60 -20.52
CA VAL B 103 -0.04 -18.06 -21.32
C VAL B 103 -0.56 -17.09 -22.37
N ILE B 104 0.10 -15.94 -22.49
CA ILE B 104 -0.27 -14.92 -23.45
C ILE B 104 -1.71 -14.42 -23.30
N ILE B 105 -1.82 -13.19 -22.82
CA ILE B 105 -3.10 -12.54 -22.57
C ILE B 105 -3.29 -11.45 -23.64
N ALA B 106 -4.45 -11.43 -24.28
CA ALA B 106 -4.71 -10.43 -25.30
C ALA B 106 -6.02 -9.68 -25.05
N LEU B 107 -6.04 -8.41 -25.42
CA LEU B 107 -7.23 -7.60 -25.25
C LEU B 107 -8.33 -8.04 -26.20
N THR B 108 -9.57 -7.89 -25.77
CA THR B 108 -10.72 -8.22 -26.62
C THR B 108 -11.18 -6.87 -27.16
N GLU B 109 -12.18 -6.88 -28.02
CA GLU B 109 -12.71 -5.63 -28.57
C GLU B 109 -13.19 -4.75 -27.42
N THR B 110 -13.86 -5.37 -26.45
CA THR B 110 -14.40 -4.68 -25.29
C THR B 110 -13.27 -4.14 -24.40
N GLY B 111 -12.25 -4.97 -24.21
CA GLY B 111 -11.14 -4.54 -23.38
C GLY B 111 -10.42 -3.35 -24.00
N ARG B 112 -10.27 -3.37 -25.31
CA ARG B 112 -9.58 -2.30 -26.02
C ARG B 112 -10.39 -1.00 -25.95
N ALA B 113 -11.70 -1.12 -26.07
CA ALA B 113 -12.58 0.05 -26.01
C ALA B 113 -12.60 0.69 -24.63
N LEU B 114 -12.44 -0.11 -23.59
CA LEU B 114 -12.46 0.37 -22.20
C LEU B 114 -11.38 1.43 -21.96
N ARG B 115 -10.31 1.38 -22.75
CA ARG B 115 -9.20 2.32 -22.59
C ARG B 115 -9.64 3.77 -22.69
N SER B 116 -10.48 4.08 -23.67
CA SER B 116 -10.94 5.46 -23.87
C SER B 116 -11.57 6.05 -22.62
N LYS B 117 -12.44 5.29 -21.94
CA LYS B 117 -13.08 5.81 -20.74
C LYS B 117 -12.19 5.71 -19.49
N ALA B 118 -11.10 4.96 -19.59
CA ALA B 118 -10.17 4.80 -18.47
C ALA B 118 -9.38 6.09 -18.24
N GLY B 119 -9.29 6.93 -19.27
CA GLY B 119 -8.55 8.18 -19.15
C GLY B 119 -8.96 9.08 -18.00
N ALA B 120 -10.22 9.00 -17.60
CA ALA B 120 -10.74 9.84 -16.52
C ALA B 120 -10.15 9.47 -15.16
N VAL B 121 -9.58 8.27 -15.06
CA VAL B 121 -9.01 7.84 -13.79
C VAL B 121 -7.75 8.64 -13.45
N PRO B 122 -6.72 8.61 -14.30
CA PRO B 122 -5.48 9.36 -14.04
C PRO B 122 -5.80 10.85 -13.91
N GLU B 123 -6.77 11.28 -14.70
CA GLU B 123 -7.22 12.66 -14.72
C GLU B 123 -7.67 13.10 -13.32
N GLN B 124 -8.56 12.32 -12.71
CA GLN B 124 -9.07 12.63 -11.38
C GLN B 124 -8.02 12.42 -10.30
N VAL B 125 -7.14 11.44 -10.48
CA VAL B 125 -6.12 11.21 -9.47
C VAL B 125 -5.23 12.44 -9.37
N PHE B 126 -4.86 13.00 -10.51
CA PHE B 126 -4.00 14.20 -10.50
C PHE B 126 -4.69 15.33 -9.74
N CYS B 127 -5.96 15.56 -10.05
CA CYS B 127 -6.74 16.60 -9.40
C CYS B 127 -6.83 16.38 -7.90
N ALA B 128 -7.14 15.14 -7.51
CA ALA B 128 -7.28 14.78 -6.11
C ALA B 128 -5.99 14.92 -5.32
N SER B 129 -4.87 14.62 -5.97
CA SER B 129 -3.57 14.68 -5.32
C SER B 129 -3.16 16.10 -4.91
N ALA B 130 -3.78 17.10 -5.55
CA ALA B 130 -3.48 18.50 -5.25
C ALA B 130 -1.99 18.77 -5.37
N CYS B 131 -1.35 18.05 -6.29
CA CYS B 131 0.09 18.17 -6.55
C CYS B 131 0.29 18.93 -7.87
N SER B 132 1.48 19.46 -8.07
CA SER B 132 1.79 20.11 -9.34
C SER B 132 2.35 18.93 -10.15
N LEU B 133 2.39 19.06 -11.46
CA LEU B 133 2.91 17.98 -12.30
C LEU B 133 4.30 17.55 -11.83
N ASP B 134 5.16 18.53 -11.59
CA ASP B 134 6.52 18.28 -11.13
C ASP B 134 6.54 17.55 -9.79
N GLU B 135 5.69 17.98 -8.87
CA GLU B 135 5.62 17.35 -7.55
C GLU B 135 5.20 15.89 -7.65
N LEU B 136 4.22 15.61 -8.51
CA LEU B 136 3.75 14.24 -8.67
C LEU B 136 4.87 13.34 -9.20
N ARG B 137 5.53 13.78 -10.27
CA ARG B 137 6.59 12.95 -10.83
C ARG B 137 7.79 12.79 -9.90
N GLN B 138 8.07 13.81 -9.10
CA GLN B 138 9.19 13.75 -8.17
C GLN B 138 8.88 12.74 -7.08
N LEU B 139 7.64 12.75 -6.58
CA LEU B 139 7.24 11.80 -5.54
C LEU B 139 7.26 10.39 -6.12
N LYS B 140 6.81 10.24 -7.36
CA LYS B 140 6.78 8.93 -8.00
C LYS B 140 8.19 8.38 -8.14
N GLN B 141 9.13 9.25 -8.50
CA GLN B 141 10.53 8.87 -8.66
C GLN B 141 11.15 8.40 -7.34
N GLU B 142 10.86 9.09 -6.25
CA GLU B 142 11.40 8.72 -4.95
C GLU B 142 10.84 7.39 -4.47
N LEU B 143 9.57 7.15 -4.77
CA LEU B 143 8.92 5.90 -4.38
C LEU B 143 9.52 4.75 -5.18
N GLU B 144 9.85 5.05 -6.44
CA GLU B 144 10.46 4.05 -7.31
C GLU B 144 11.81 3.70 -6.71
N LYS B 145 12.56 4.73 -6.33
CA LYS B 145 13.87 4.54 -5.73
C LYS B 145 13.78 3.70 -4.45
N LEU B 146 12.75 3.97 -3.64
CA LEU B 146 12.56 3.23 -2.38
C LEU B 146 12.21 1.77 -2.63
N ARG B 147 11.32 1.50 -3.59
CA ARG B 147 10.94 0.14 -3.90
C ARG B 147 12.19 -0.66 -4.26
N SER B 148 13.02 -0.07 -5.11
CA SER B 148 14.25 -0.70 -5.54
C SER B 148 15.19 -0.94 -4.37
N SER B 149 15.40 0.11 -3.57
CA SER B 149 16.29 0.02 -2.42
C SER B 149 15.83 -1.04 -1.42
N LEU B 150 14.54 -1.07 -1.12
CA LEU B 150 14.03 -2.03 -0.17
C LEU B 150 14.26 -3.48 -0.61
N GLY B 151 14.19 -3.71 -1.92
CA GLY B 151 14.37 -5.06 -2.43
C GLY B 151 15.80 -5.51 -2.61
N ALA B 152 16.74 -4.56 -2.67
CA ALA B 152 18.14 -4.89 -2.87
C ALA B 152 18.88 -5.36 -1.63
C FMT C . -3.76 -9.27 9.86
O1 FMT C . -4.12 -9.44 10.99
O2 FMT C . -2.77 -8.40 9.57
C FMT D . -2.28 8.09 -11.14
O1 FMT D . -2.39 7.26 -10.27
O2 FMT D . -1.23 8.91 -11.17
C FMT E . 0.69 -8.23 -3.62
O1 FMT E . 1.44 -9.13 -3.90
O2 FMT E . -0.60 -8.28 -3.97
C FMT F . 12.80 -10.68 13.40
O1 FMT F . 11.80 -10.37 14.01
O2 FMT F . 12.78 -11.72 12.55
C FMT G . 9.53 3.07 8.96
O1 FMT G . 9.17 2.05 9.50
O2 FMT G . 10.38 3.89 9.57
C FMT H . 11.22 1.71 -10.00
O1 FMT H . 10.18 1.47 -9.43
O2 FMT H . 12.39 1.21 -9.55
C FMT I . 9.80 0.21 -12.95
O1 FMT I . 9.03 0.08 -12.02
O2 FMT I . 11.08 -0.16 -12.82
#